data_5Z1G
#
_entry.id   5Z1G
#
_cell.length_a   80.934
_cell.length_b   47.353
_cell.length_c   100.695
_cell.angle_alpha   90.00
_cell.angle_beta   94.10
_cell.angle_gamma   90.00
#
_symmetry.space_group_name_H-M   'P 1 21 1'
#
loop_
_entity.id
_entity.type
_entity.pdbx_description
1 polymer 'rRNA-processing protein EBP2'
2 polymer 'Ribosome biogenesis protein BRX1'
3 non-polymer 'SULFATE ION'
4 water water
#
loop_
_entity_poly.entity_id
_entity_poly.type
_entity_poly.pdbx_seq_one_letter_code
_entity_poly.pdbx_strand_id
1 'polypeptide(L)'
;DVVPHHKLTVNNTKAMKHALERVQLPWKKHSFQEHQSVTSETNTDEHIKDIYDDTERELAFYKQSLDAVLVARDELKRLK
VPFKRPLDYFAEMVKSDEHMDKIKGKLIEE
;
A,C
2 'polypeptide(L)'
;QFMNKQRTLLISSRGVNYRHRHLIQDLSGLLPHSRKEPKLDTKKDLQQLNEIAELYNCNNVLFFEARKHQDLYLWLSKPP
NGPTIKFYIQNLHTMDELNFTGNCLKGSRPVLSFDQRFESSPHYQLIKELLVHNFGVPPNARKSKPFIDHVMSFSIVDDK
IWVRTYEISHSTKNKEEYEDGEEDISLVEIGPRFVMTVILILEGSFGGPKIYENKQYVSPNVVRAQIKQQAAEE
;
B,D
#
loop_
_chem_comp.id
_chem_comp.type
_chem_comp.name
_chem_comp.formula
SO4 non-polymer 'SULFATE ION' 'O4 S -2'
#
# COMPACT_ATOMS: atom_id res chain seq x y z
N VAL A 10 -0.65 -12.42 42.83
CA VAL A 10 -1.45 -11.49 43.62
C VAL A 10 -0.87 -10.08 43.47
N ASN A 11 -1.00 -9.57 42.24
CA ASN A 11 -0.61 -8.21 41.85
C ASN A 11 0.89 -7.97 42.05
N ASN A 12 1.70 -8.77 41.34
CA ASN A 12 3.13 -8.53 41.24
C ASN A 12 3.33 -7.50 40.14
N THR A 13 3.23 -6.23 40.50
CA THR A 13 3.32 -5.14 39.53
C THR A 13 4.72 -5.03 38.92
N LYS A 14 5.76 -5.44 39.66
CA LYS A 14 7.13 -5.37 39.15
C LYS A 14 7.30 -6.32 37.97
N ALA A 15 6.83 -7.57 38.12
CA ALA A 15 6.95 -8.56 37.06
C ALA A 15 6.03 -8.27 35.88
N MET A 16 4.83 -7.71 36.10
CA MET A 16 4.01 -7.35 34.95
C MET A 16 4.63 -6.18 34.18
N LYS A 17 5.32 -5.28 34.89
CA LYS A 17 6.06 -4.20 34.23
C LYS A 17 7.20 -4.75 33.38
N HIS A 18 7.96 -5.71 33.93
CA HIS A 18 9.04 -6.33 33.16
C HIS A 18 8.52 -7.13 31.98
N ALA A 19 7.40 -7.84 32.17
CA ALA A 19 6.79 -8.61 31.10
C ALA A 19 6.37 -7.70 29.94
N LEU A 20 5.83 -6.52 30.24
CA LEU A 20 5.45 -5.58 29.20
C LEU A 20 6.68 -5.12 28.41
N GLU A 21 7.78 -4.87 29.10
CA GLU A 21 8.96 -4.34 28.42
C GLU A 21 9.66 -5.39 27.57
N ARG A 22 9.71 -6.65 28.06
CA ARG A 22 10.26 -7.73 27.24
C ARG A 22 9.51 -7.91 25.93
N VAL A 23 8.20 -7.70 25.96
CA VAL A 23 7.30 -8.30 24.99
C VAL A 23 6.72 -7.28 24.01
N GLN A 24 6.73 -6.00 24.36
CA GLN A 24 6.10 -4.97 23.55
C GLN A 24 6.94 -4.67 22.31
N LEU A 25 6.28 -4.39 21.24
CA LEU A 25 7.06 -3.99 20.10
C LEU A 25 7.30 -2.48 20.12
N PRO A 26 8.44 -1.98 19.55
CA PRO A 26 8.73 -0.53 19.63
C PRO A 26 7.94 0.31 18.64
N TRP A 27 6.67 0.58 18.98
CA TRP A 27 5.75 1.19 18.02
C TRP A 27 6.11 2.63 17.68
N LYS A 28 6.74 3.35 18.61
CA LYS A 28 7.08 4.74 18.34
C LYS A 28 8.17 4.87 17.27
N LYS A 29 9.01 3.86 17.12
CA LYS A 29 10.04 3.90 16.09
C LYS A 29 9.51 3.56 14.68
N HIS A 30 8.21 3.40 14.51
CA HIS A 30 7.65 2.93 13.23
C HIS A 30 6.29 3.57 13.00
N SER A 31 5.64 3.15 11.92
CA SER A 31 4.47 3.85 11.41
C SER A 31 3.18 3.29 12.00
N PHE A 32 2.14 4.14 12.01
CA PHE A 32 0.84 3.73 12.55
C PHE A 32 0.31 2.46 11.89
N GLN A 33 0.71 2.22 10.64
CA GLN A 33 0.22 1.08 9.89
C GLN A 33 0.70 -0.24 10.49
N GLU A 34 1.78 -0.22 11.24
CA GLU A 34 2.26 -1.44 11.92
C GLU A 34 1.19 -2.02 12.83
N HIS A 35 0.49 -1.17 13.59
CA HIS A 35 -0.42 -1.67 14.61
C HIS A 35 -1.88 -1.31 14.37
N GLN A 36 -2.18 -0.16 13.78
CA GLN A 36 -3.55 0.29 13.50
C GLN A 36 -4.42 0.29 14.76
N SER A 37 -3.84 0.60 15.90
CA SER A 37 -4.59 0.61 17.15
C SER A 37 -4.63 2.01 17.73
N VAL A 38 -5.78 2.40 18.27
CA VAL A 38 -6.00 3.73 18.80
C VAL A 38 -6.53 3.62 20.22
N THR A 39 -5.85 4.24 21.16
CA THR A 39 -6.36 4.24 22.52
C THR A 39 -7.12 5.55 22.74
N SER A 40 -8.25 5.44 23.42
CA SER A 40 -9.09 6.58 23.70
C SER A 40 -8.46 7.47 24.78
N GLU A 41 -8.87 8.74 24.81
CA GLU A 41 -8.42 9.65 25.85
C GLU A 41 -9.27 9.54 27.12
N THR A 42 -10.57 9.37 26.98
CA THR A 42 -11.45 9.24 28.12
C THR A 42 -11.73 7.77 28.41
N ASN A 43 -12.19 7.51 29.62
CA ASN A 43 -12.22 6.15 30.12
C ASN A 43 -13.37 5.30 29.61
N THR A 44 -14.24 5.82 28.73
CA THR A 44 -15.47 5.09 28.37
C THR A 44 -16.16 4.60 29.63
N ASP A 45 -16.15 5.42 30.67
CA ASP A 45 -16.76 5.05 31.92
C ASP A 45 -17.80 6.04 32.38
N GLU A 46 -17.55 7.33 32.19
CA GLU A 46 -18.64 8.18 31.77
C GLU A 46 -19.12 7.67 30.41
N HIS A 47 -20.23 8.25 29.95
CA HIS A 47 -21.05 7.78 28.84
C HIS A 47 -21.93 6.61 29.29
N ILE A 48 -21.75 6.08 30.50
CA ILE A 48 -22.57 4.98 31.01
C ILE A 48 -23.01 5.35 32.43
N LYS A 49 -24.26 5.79 32.56
CA LYS A 49 -24.85 6.01 33.88
C LYS A 49 -25.22 4.70 34.57
N ASP A 50 -25.60 3.67 33.80
CA ASP A 50 -25.97 2.38 34.36
C ASP A 50 -25.24 1.26 33.62
N ILE A 51 -24.34 0.58 34.33
CA ILE A 51 -23.56 -0.53 33.79
C ILE A 51 -24.44 -1.66 33.26
N TYR A 52 -25.71 -1.69 33.66
CA TYR A 52 -26.61 -2.77 33.29
C TYR A 52 -27.71 -2.32 32.34
N ASP A 53 -27.57 -1.15 31.71
CA ASP A 53 -28.48 -0.73 30.66
C ASP A 53 -27.86 -1.02 29.31
N ASP A 54 -28.57 -1.81 28.50
CA ASP A 54 -28.03 -2.29 27.23
C ASP A 54 -27.72 -1.14 26.29
N THR A 55 -28.74 -0.37 25.90
CA THR A 55 -28.56 0.64 24.87
C THR A 55 -27.57 1.71 25.28
N GLU A 56 -27.39 1.93 26.58
CA GLU A 56 -26.45 2.95 27.00
C GLU A 56 -25.02 2.53 26.72
N ARG A 57 -24.63 1.34 27.18
CA ARG A 57 -23.23 0.95 27.05
C ARG A 57 -22.84 0.64 25.60
N GLU A 58 -23.77 0.10 24.80
CA GLU A 58 -23.46 -0.13 23.39
C GLU A 58 -23.19 1.19 22.68
N LEU A 59 -23.95 2.23 23.02
CA LEU A 59 -23.71 3.56 22.46
C LEU A 59 -22.30 4.06 22.79
N ALA A 60 -21.89 3.92 24.05
CA ALA A 60 -20.51 4.26 24.43
C ALA A 60 -19.49 3.44 23.63
N PHE A 61 -19.66 2.11 23.59
CA PHE A 61 -18.79 1.25 22.78
C PHE A 61 -18.70 1.76 21.35
N TYR A 62 -19.87 1.99 20.75
CA TYR A 62 -19.98 2.53 19.40
C TYR A 62 -19.17 3.81 19.27
N LYS A 63 -19.31 4.70 20.25
CA LYS A 63 -18.62 5.99 20.19
C LYS A 63 -17.11 5.80 20.25
N GLN A 64 -16.63 5.04 21.23
CA GLN A 64 -15.20 4.77 21.32
C GLN A 64 -14.65 4.19 20.03
N SER A 65 -15.41 3.29 19.39
CA SER A 65 -14.91 2.66 18.17
C SER A 65 -14.91 3.64 17.00
N LEU A 66 -16.00 4.39 16.84
CA LEU A 66 -16.08 5.32 15.71
C LEU A 66 -15.06 6.44 15.85
N ASP A 67 -14.84 6.92 17.07
CA ASP A 67 -13.75 7.88 17.26
C ASP A 67 -12.43 7.28 16.82
N ALA A 68 -12.19 6.01 17.13
CA ALA A 68 -10.93 5.38 16.72
C ALA A 68 -10.83 5.27 15.20
N VAL A 69 -11.96 5.18 14.50
CA VAL A 69 -11.92 4.98 13.06
C VAL A 69 -11.58 6.28 12.33
N LEU A 70 -12.19 7.40 12.74
CA LEU A 70 -11.83 8.68 12.13
C LEU A 70 -10.35 8.98 12.32
N VAL A 71 -9.83 8.75 13.53
CA VAL A 71 -8.39 8.91 13.76
C VAL A 71 -7.60 8.03 12.80
N ALA A 72 -7.96 6.75 12.73
CA ALA A 72 -7.22 5.82 11.92
C ALA A 72 -7.25 6.21 10.44
N ARG A 73 -8.40 6.67 9.95
CA ARG A 73 -8.47 7.06 8.53
C ARG A 73 -7.59 8.26 8.24
N ASP A 74 -7.56 9.24 9.16
CA ASP A 74 -6.70 10.40 8.96
C ASP A 74 -5.24 10.00 8.89
N GLU A 75 -4.84 8.98 9.64
CA GLU A 75 -3.45 8.58 9.61
C GLU A 75 -3.12 7.74 8.38
N LEU A 76 -4.01 6.81 8.00
CA LEU A 76 -3.70 6.00 6.83
C LEU A 76 -3.81 6.79 5.54
N LYS A 77 -4.62 7.86 5.54
CA LYS A 77 -4.64 8.79 4.41
C LYS A 77 -3.30 9.50 4.27
N ARG A 78 -2.80 10.05 5.37
CA ARG A 78 -1.48 10.67 5.39
C ARG A 78 -0.39 9.73 4.92
N LEU A 79 -0.56 8.42 5.09
CA LEU A 79 0.44 7.43 4.68
C LEU A 79 0.18 6.85 3.29
N LYS A 80 -0.86 7.30 2.59
CA LYS A 80 -1.17 6.83 1.24
C LYS A 80 -1.45 5.33 1.23
N VAL A 81 -2.13 4.85 2.26
CA VAL A 81 -2.57 3.46 2.33
C VAL A 81 -4.06 3.43 2.00
N PRO A 82 -4.48 2.70 0.97
CA PRO A 82 -5.88 2.72 0.57
C PRO A 82 -6.78 2.27 1.71
N PHE A 83 -7.87 3.00 1.90
CA PHE A 83 -8.67 2.85 3.11
C PHE A 83 -10.02 2.20 2.80
N LYS A 84 -10.93 2.90 2.11
CA LYS A 84 -12.30 2.42 2.04
C LYS A 84 -12.42 1.26 1.06
N ARG A 85 -13.15 0.24 1.45
CA ARG A 85 -13.35 -0.90 0.58
C ARG A 85 -14.14 -0.44 -0.64
N PRO A 86 -13.66 -0.66 -1.85
CA PRO A 86 -14.43 -0.22 -3.02
C PRO A 86 -15.75 -0.96 -3.10
N LEU A 87 -16.78 -0.24 -3.55
CA LEU A 87 -18.07 -0.87 -3.78
C LEU A 87 -18.00 -1.96 -4.84
N ASP A 88 -16.99 -1.94 -5.70
CA ASP A 88 -16.82 -2.91 -6.77
C ASP A 88 -15.65 -3.86 -6.55
N TYR A 89 -15.13 -3.96 -5.32
CA TYR A 89 -14.13 -4.96 -4.96
C TYR A 89 -14.84 -6.14 -4.30
N PHE A 90 -14.78 -7.30 -4.95
CA PHE A 90 -15.49 -8.50 -4.52
C PHE A 90 -14.46 -9.57 -4.13
N ALA A 91 -14.24 -9.70 -2.84
CA ALA A 91 -13.41 -10.76 -2.28
C ALA A 91 -14.24 -11.49 -1.24
N GLU A 92 -13.72 -12.59 -0.74
CA GLU A 92 -14.47 -13.43 0.18
C GLU A 92 -14.75 -12.67 1.47
N MET A 93 -16.04 -12.56 1.81
CA MET A 93 -16.45 -11.85 3.00
C MET A 93 -16.60 -12.82 4.16
N VAL A 94 -16.76 -12.26 5.34
CA VAL A 94 -16.89 -13.08 6.53
C VAL A 94 -18.26 -13.75 6.58
N LYS A 95 -19.29 -13.11 6.04
CA LYS A 95 -20.61 -13.73 5.86
C LYS A 95 -20.95 -13.76 4.39
N SER A 96 -21.70 -14.79 3.98
CA SER A 96 -22.12 -14.91 2.60
C SER A 96 -23.18 -13.86 2.28
N ASP A 97 -23.36 -13.62 0.98
CA ASP A 97 -24.38 -12.66 0.55
C ASP A 97 -25.78 -13.23 0.70
N GLU A 98 -25.94 -14.55 0.58
CA GLU A 98 -27.24 -15.14 0.90
C GLU A 98 -27.57 -14.94 2.36
N HIS A 99 -26.57 -15.10 3.23
CA HIS A 99 -26.79 -14.87 4.65
C HIS A 99 -27.20 -13.43 4.92
N MET A 100 -26.56 -12.47 4.23
CA MET A 100 -26.94 -11.07 4.46
C MET A 100 -28.35 -10.78 3.96
N ASP A 101 -28.71 -11.33 2.79
CA ASP A 101 -30.03 -11.06 2.22
C ASP A 101 -31.15 -11.70 3.04
N LYS A 102 -30.92 -12.89 3.59
CA LYS A 102 -31.94 -13.55 4.39
C LYS A 102 -32.13 -12.85 5.73
N ILE A 103 -31.05 -12.36 6.32
CA ILE A 103 -31.15 -11.61 7.57
C ILE A 103 -31.97 -10.34 7.37
N LYS A 104 -32.00 -9.82 6.16
CA LYS A 104 -32.79 -8.64 5.84
C LYS A 104 -34.12 -9.01 5.22
N GLY A 105 -34.44 -10.30 5.14
CA GLY A 105 -35.72 -10.71 4.62
C GLY A 105 -35.91 -10.46 3.14
N LYS A 106 -34.82 -10.31 2.40
CA LYS A 106 -34.88 -9.98 0.98
C LYS A 106 -34.96 -11.24 0.10
N LEU A 107 -35.51 -11.06 -1.09
CA LEU A 107 -35.52 -12.08 -2.10
C LEU A 107 -34.13 -12.20 -2.73
N ILE A 108 -33.68 -13.43 -2.92
CA ILE A 108 -32.36 -13.67 -3.44
C ILE A 108 -32.52 -14.07 -4.89
N GLN B 1 12.96 2.31 4.80
CA GLN B 1 12.71 3.20 3.68
C GLN B 1 13.22 2.59 2.37
N PHE B 2 13.06 3.29 1.26
CA PHE B 2 13.43 2.78 -0.06
C PHE B 2 14.77 3.35 -0.50
N MET B 3 15.37 2.67 -1.48
CA MET B 3 16.69 3.01 -2.00
C MET B 3 16.61 4.08 -3.09
N ASN B 4 15.58 4.05 -3.93
CA ASN B 4 15.46 4.95 -5.06
C ASN B 4 14.92 6.29 -4.58
N LYS B 5 15.76 7.32 -4.64
CA LYS B 5 15.32 8.67 -4.28
C LYS B 5 15.64 9.60 -5.44
N GLN B 6 14.64 10.35 -5.92
CA GLN B 6 14.85 11.20 -7.08
C GLN B 6 14.13 12.53 -6.94
N ARG B 7 14.78 13.61 -7.38
CA ARG B 7 14.14 14.90 -7.55
C ARG B 7 14.64 15.49 -8.87
N THR B 8 13.72 15.81 -9.77
CA THR B 8 14.05 16.24 -11.13
C THR B 8 13.68 17.70 -11.30
N LEU B 9 14.65 18.53 -11.69
CA LEU B 9 14.35 19.92 -11.98
C LEU B 9 13.79 20.04 -13.40
N LEU B 10 12.56 20.56 -13.49
CA LEU B 10 11.84 20.74 -14.75
C LEU B 10 11.95 22.21 -15.15
N ILE B 11 12.76 22.50 -16.17
CA ILE B 11 12.99 23.85 -16.68
C ILE B 11 12.85 23.83 -18.19
N SER B 12 12.45 24.96 -18.75
CA SER B 12 12.50 25.18 -20.19
C SER B 12 13.19 26.52 -20.47
N SER B 13 13.65 26.68 -21.71
CA SER B 13 14.19 27.95 -22.15
C SER B 13 13.06 28.93 -22.46
N ARG B 14 13.42 30.16 -22.81
CA ARG B 14 12.46 31.09 -23.37
C ARG B 14 12.07 30.64 -24.77
N GLY B 15 10.84 30.96 -25.16
CA GLY B 15 10.40 30.72 -26.51
C GLY B 15 9.66 29.42 -26.73
N VAL B 16 9.23 28.74 -25.67
CA VAL B 16 8.50 27.48 -25.84
C VAL B 16 7.14 27.75 -26.47
N ASN B 17 6.79 26.92 -27.45
CA ASN B 17 5.49 26.82 -28.12
C ASN B 17 4.33 26.65 -27.17
N TYR B 18 3.12 26.87 -27.68
CA TYR B 18 1.95 26.36 -26.98
C TYR B 18 2.04 24.85 -26.81
N ARG B 19 2.44 24.16 -27.88
CA ARG B 19 2.54 22.70 -27.80
C ARG B 19 3.65 22.30 -26.84
N HIS B 20 4.80 23.01 -26.86
CA HIS B 20 5.87 22.72 -25.90
C HIS B 20 5.36 22.88 -24.47
N ARG B 21 4.72 24.01 -24.18
CA ARG B 21 4.23 24.29 -22.83
C ARG B 21 3.29 23.21 -22.34
N HIS B 22 2.45 22.69 -23.25
CA HIS B 22 1.49 21.66 -22.85
C HIS B 22 2.22 20.38 -22.45
N LEU B 23 3.31 20.07 -23.14
CA LEU B 23 4.18 18.96 -22.76
C LEU B 23 4.72 19.15 -21.35
N ILE B 24 5.27 20.33 -21.06
CA ILE B 24 5.80 20.57 -19.72
C ILE B 24 4.72 20.36 -18.67
N GLN B 25 3.54 20.92 -18.91
CA GLN B 25 2.40 20.71 -18.03
C GLN B 25 2.17 19.22 -17.82
N ASP B 26 2.08 18.48 -18.93
CA ASP B 26 1.79 17.05 -18.86
C ASP B 26 2.78 16.33 -17.99
N LEU B 27 4.07 16.61 -18.20
CA LEU B 27 5.12 15.94 -17.43
C LEU B 27 5.11 16.39 -15.97
N SER B 28 4.81 17.66 -15.71
CA SER B 28 4.67 18.06 -14.32
C SER B 28 3.58 17.26 -13.64
N GLY B 29 2.45 17.04 -14.32
CA GLY B 29 1.39 16.21 -13.75
C GLY B 29 1.81 14.77 -13.58
N LEU B 30 2.50 14.21 -14.58
CA LEU B 30 2.91 12.82 -14.55
C LEU B 30 4.08 12.56 -13.61
N LEU B 31 4.89 13.57 -13.29
CA LEU B 31 6.09 13.37 -12.46
C LEU B 31 5.97 14.21 -11.21
N PRO B 32 5.34 13.68 -10.15
CA PRO B 32 5.23 14.45 -8.90
C PRO B 32 6.55 14.77 -8.24
N HIS B 33 7.59 13.98 -8.50
CA HIS B 33 8.93 14.29 -8.02
C HIS B 33 9.61 15.41 -8.81
N SER B 34 8.92 16.05 -9.74
CA SER B 34 9.54 17.10 -10.52
C SER B 34 9.21 18.46 -9.92
N ARG B 35 10.09 19.42 -10.17
CA ARG B 35 9.93 20.77 -9.64
C ARG B 35 10.08 21.74 -10.80
N LYS B 36 8.97 22.38 -11.17
CA LYS B 36 8.94 23.29 -12.30
C LYS B 36 9.35 24.68 -11.84
N GLU B 37 10.39 25.22 -12.45
CA GLU B 37 10.90 26.52 -12.02
C GLU B 37 10.87 27.48 -13.20
N PRO B 38 11.06 28.79 -13.00
CA PRO B 38 11.01 29.72 -14.14
C PRO B 38 12.10 29.42 -15.15
N LYS B 39 11.90 29.94 -16.36
CA LYS B 39 12.75 29.61 -17.50
C LYS B 39 14.19 30.06 -17.30
N LEU B 40 15.09 29.38 -17.99
CA LEU B 40 16.53 29.69 -17.94
C LEU B 40 16.76 31.07 -18.53
N ASP B 45 26.92 29.54 -19.26
CA ASP B 45 25.60 29.49 -19.91
C ASP B 45 24.78 28.31 -19.41
N LEU B 46 24.55 27.27 -20.23
CA LEU B 46 23.77 26.13 -19.78
C LEU B 46 24.37 25.49 -18.52
N GLN B 47 25.69 25.61 -18.36
CA GLN B 47 26.33 25.23 -17.09
C GLN B 47 25.55 25.76 -15.88
N GLN B 48 24.82 26.87 -16.03
CA GLN B 48 24.10 27.42 -14.88
C GLN B 48 22.92 26.55 -14.43
N LEU B 49 22.53 25.54 -15.20
CA LEU B 49 21.52 24.60 -14.73
C LEU B 49 22.02 23.76 -13.54
N ASN B 50 23.33 23.63 -13.36
CA ASN B 50 23.86 22.93 -12.21
C ASN B 50 23.63 23.72 -10.91
N GLU B 51 23.87 25.03 -10.94
CA GLU B 51 23.63 25.86 -9.77
C GLU B 51 22.15 25.92 -9.44
N ILE B 52 21.30 26.04 -10.46
CA ILE B 52 19.87 26.05 -10.20
C ILE B 52 19.43 24.73 -9.58
N ALA B 53 19.97 23.61 -10.06
CA ALA B 53 19.60 22.32 -9.49
C ALA B 53 19.96 22.27 -8.01
N GLU B 54 21.10 22.85 -7.64
CA GLU B 54 21.52 22.83 -6.25
C GLU B 54 20.63 23.72 -5.40
N LEU B 55 20.05 24.75 -6.00
CA LEU B 55 19.17 25.66 -5.27
C LEU B 55 17.88 24.97 -4.84
N TYR B 56 17.26 24.21 -5.74
CA TYR B 56 16.09 23.43 -5.42
C TYR B 56 16.41 21.96 -5.14
N ASN B 57 17.69 21.63 -5.01
CA ASN B 57 18.16 20.32 -4.56
C ASN B 57 17.56 19.18 -5.39
N CYS B 58 17.82 19.24 -6.68
CA CYS B 58 17.49 18.17 -7.60
C CYS B 58 18.76 17.45 -8.02
N ASN B 59 18.66 16.14 -8.20
CA ASN B 59 19.77 15.35 -8.70
C ASN B 59 19.62 15.00 -10.18
N ASN B 60 18.57 15.49 -10.83
CA ASN B 60 18.27 15.26 -12.24
C ASN B 60 17.84 16.59 -12.83
N VAL B 61 18.19 16.86 -14.08
CA VAL B 61 17.58 17.99 -14.79
C VAL B 61 16.88 17.51 -16.07
N LEU B 62 15.69 18.04 -16.30
CA LEU B 62 14.93 17.96 -17.54
C LEU B 62 14.82 19.40 -18.02
N PHE B 63 15.68 19.76 -18.96
CA PHE B 63 15.74 21.08 -19.52
C PHE B 63 15.23 21.02 -20.95
N PHE B 64 14.13 21.71 -21.24
CA PHE B 64 13.56 21.78 -22.57
C PHE B 64 13.98 23.08 -23.25
N GLU B 65 14.69 22.96 -24.36
CA GLU B 65 15.25 24.09 -25.09
C GLU B 65 14.50 24.24 -26.41
N ALA B 66 13.90 25.41 -26.62
CA ALA B 66 13.14 25.70 -27.83
C ALA B 66 13.96 26.60 -28.74
N ARG B 67 13.98 26.28 -30.04
CA ARG B 67 14.69 27.06 -31.05
C ARG B 67 13.70 27.52 -32.12
N LYS B 68 13.80 28.79 -32.50
CA LYS B 68 13.07 29.33 -33.64
C LYS B 68 11.57 29.05 -33.51
N HIS B 69 11.09 29.07 -32.27
CA HIS B 69 9.69 28.91 -31.90
C HIS B 69 9.10 27.58 -32.34
N GLN B 70 9.91 26.56 -32.66
CA GLN B 70 9.29 25.34 -33.19
C GLN B 70 10.11 24.06 -33.03
N ASP B 71 11.43 24.15 -32.95
CA ASP B 71 12.26 22.96 -32.73
C ASP B 71 12.50 22.80 -31.24
N LEU B 72 12.20 21.61 -30.72
CA LEU B 72 12.27 21.35 -29.28
C LEU B 72 13.33 20.30 -29.00
N TYR B 73 14.22 20.62 -28.06
CA TYR B 73 15.28 19.74 -27.59
C TYR B 73 15.10 19.48 -26.10
N LEU B 74 15.39 18.26 -25.68
CA LEU B 74 15.38 17.87 -24.29
C LEU B 74 16.81 17.56 -23.85
N TRP B 75 17.29 18.28 -22.82
CA TRP B 75 18.58 18.01 -22.19
C TRP B 75 18.34 17.34 -20.86
N LEU B 76 18.83 16.13 -20.72
CA LEU B 76 18.63 15.35 -19.51
C LEU B 76 20.02 15.07 -18.90
N SER B 77 20.23 15.54 -17.67
CA SER B 77 21.53 15.37 -17.03
C SER B 77 21.39 14.94 -15.59
N LYS B 78 22.56 14.84 -14.97
CA LYS B 78 22.78 14.39 -13.60
C LYS B 78 23.68 15.46 -13.01
N PRO B 79 23.10 16.53 -12.45
CA PRO B 79 23.96 17.59 -11.93
C PRO B 79 24.57 17.23 -10.57
N PRO B 80 25.80 17.67 -10.30
CA PRO B 80 26.59 18.55 -11.19
C PRO B 80 27.64 17.84 -12.01
N ASN B 81 27.83 16.55 -11.84
CA ASN B 81 29.00 15.94 -12.45
C ASN B 81 28.72 15.30 -13.80
N GLY B 82 27.47 15.16 -14.19
CA GLY B 82 27.14 14.54 -15.46
C GLY B 82 26.77 13.09 -15.33
N PRO B 83 26.54 12.42 -16.46
CA PRO B 83 26.62 12.92 -17.83
C PRO B 83 25.37 13.70 -18.22
N THR B 84 25.35 14.15 -19.47
CA THR B 84 24.22 14.88 -20.03
C THR B 84 23.86 14.23 -21.35
N ILE B 85 22.57 14.05 -21.59
CA ILE B 85 22.17 13.56 -22.90
C ILE B 85 21.21 14.58 -23.50
N LYS B 86 21.34 14.77 -24.82
CA LYS B 86 20.56 15.77 -25.56
C LYS B 86 19.81 15.09 -26.69
N PHE B 87 18.49 15.28 -26.72
CA PHE B 87 17.65 14.69 -27.72
C PHE B 87 16.99 15.77 -28.56
N TYR B 88 16.59 15.40 -29.76
CA TYR B 88 15.67 16.19 -30.57
C TYR B 88 14.28 15.55 -30.52
N ILE B 89 13.26 16.34 -30.16
CA ILE B 89 11.89 15.86 -29.94
C ILE B 89 11.04 16.20 -31.17
N GLN B 90 10.32 15.21 -31.70
CA GLN B 90 9.39 15.52 -32.78
C GLN B 90 8.16 14.64 -32.64
N ASN B 91 7.24 14.76 -33.61
CA ASN B 91 5.96 14.05 -33.58
C ASN B 91 5.29 14.24 -32.22
N LEU B 92 5.30 15.48 -31.73
CA LEU B 92 4.83 15.77 -30.39
C LEU B 92 3.31 15.86 -30.40
N HIS B 93 2.65 14.95 -29.68
CA HIS B 93 1.22 15.07 -29.44
C HIS B 93 0.99 15.04 -27.94
N THR B 94 0.32 16.06 -27.46
CA THR B 94 0.23 16.32 -26.04
C THR B 94 -1.10 15.76 -25.53
N MET B 95 -1.17 15.49 -24.21
CA MET B 95 -2.33 14.71 -23.74
C MET B 95 -3.64 15.47 -23.88
N ASP B 96 -3.58 16.70 -24.36
CA ASP B 96 -4.72 17.43 -24.87
C ASP B 96 -5.53 16.62 -25.91
N GLU B 97 -4.84 15.93 -26.82
CA GLU B 97 -5.39 15.57 -28.14
C GLU B 97 -6.77 14.93 -28.07
N LEU B 98 -7.53 15.14 -29.15
CA LEU B 98 -8.90 14.64 -29.23
C LEU B 98 -8.96 13.12 -29.19
N ASN B 99 -7.94 12.44 -29.69
CA ASN B 99 -8.01 10.99 -29.77
C ASN B 99 -7.31 10.30 -28.60
N PHE B 100 -6.91 11.04 -27.57
CA PHE B 100 -6.35 10.44 -26.36
C PHE B 100 -7.46 10.38 -25.31
N THR B 101 -8.13 9.23 -25.24
CA THR B 101 -9.21 9.04 -24.26
C THR B 101 -8.74 8.34 -23.00
N GLY B 102 -7.43 8.16 -22.82
CA GLY B 102 -6.94 7.58 -21.59
C GLY B 102 -6.81 8.63 -20.50
N ASN B 103 -6.97 8.20 -19.26
CA ASN B 103 -6.76 9.09 -18.12
C ASN B 103 -6.11 8.29 -17.01
N CYS B 104 -5.46 8.99 -16.08
CA CYS B 104 -4.82 8.31 -14.96
C CYS B 104 -4.75 9.26 -13.76
N LEU B 105 -4.34 8.70 -12.62
CA LEU B 105 -4.15 9.52 -11.43
C LEU B 105 -2.99 10.47 -11.63
N LYS B 106 -3.13 11.68 -11.14
CA LYS B 106 -2.04 12.64 -11.12
C LYS B 106 -1.13 12.29 -9.95
N GLY B 107 0.05 11.75 -10.25
CA GLY B 107 0.99 11.34 -9.22
C GLY B 107 1.09 9.84 -8.95
N SER B 108 0.32 8.98 -9.62
CA SER B 108 0.50 7.57 -9.34
C SER B 108 1.82 7.10 -9.94
N ARG B 109 2.32 5.96 -9.47
CA ARG B 109 3.61 5.47 -9.93
C ARG B 109 3.45 4.60 -11.17
N PRO B 110 4.04 4.95 -12.31
CA PRO B 110 3.83 4.16 -13.52
C PRO B 110 4.66 2.89 -13.56
N VAL B 111 4.25 2.00 -14.46
CA VAL B 111 5.14 0.97 -14.97
C VAL B 111 5.93 1.56 -16.12
N LEU B 112 7.21 1.23 -16.19
CA LEU B 112 8.04 1.63 -17.31
C LEU B 112 8.31 0.42 -18.18
N SER B 113 8.03 0.56 -19.48
CA SER B 113 8.22 -0.50 -20.47
C SER B 113 9.35 -0.09 -21.40
N PHE B 114 10.41 -0.90 -21.46
CA PHE B 114 11.58 -0.64 -22.29
C PHE B 114 11.78 -1.74 -23.32
N ASP B 115 12.07 -1.31 -24.54
CA ASP B 115 12.45 -2.23 -25.60
C ASP B 115 13.76 -2.94 -25.26
N GLN B 116 13.83 -4.22 -25.62
CA GLN B 116 15.08 -4.98 -25.49
C GLN B 116 16.24 -4.26 -26.13
N ARG B 117 15.97 -3.49 -27.20
CA ARG B 117 17.01 -2.75 -27.91
C ARG B 117 17.84 -1.86 -27.00
N PHE B 118 17.28 -1.40 -25.89
CA PHE B 118 18.08 -0.57 -25.01
C PHE B 118 19.30 -1.29 -24.47
N GLU B 119 19.33 -2.62 -24.54
CA GLU B 119 20.42 -3.41 -24.02
C GLU B 119 21.51 -3.64 -25.05
N SER B 120 21.34 -3.13 -26.26
CA SER B 120 22.15 -3.55 -27.41
C SER B 120 23.41 -2.70 -27.62
N SER B 121 23.57 -1.59 -26.90
CA SER B 121 24.72 -0.72 -27.08
C SER B 121 24.92 0.09 -25.81
N PRO B 122 26.15 0.49 -25.50
CA PRO B 122 26.38 1.22 -24.25
C PRO B 122 25.67 2.56 -24.20
N HIS B 123 25.55 3.27 -25.32
CA HIS B 123 24.85 4.54 -25.23
C HIS B 123 23.36 4.32 -24.94
N TYR B 124 22.75 3.25 -25.47
CA TYR B 124 21.35 2.97 -25.13
C TYR B 124 21.21 2.49 -23.69
N GLN B 125 22.20 1.77 -23.15
CA GLN B 125 22.07 1.28 -21.78
C GLN B 125 22.14 2.43 -20.78
N LEU B 126 22.94 3.44 -21.09
CA LEU B 126 23.07 4.58 -20.19
C LEU B 126 21.81 5.44 -20.24
N ILE B 127 21.24 5.61 -21.43
CA ILE B 127 19.98 6.32 -21.58
C ILE B 127 18.86 5.62 -20.81
N LYS B 128 18.85 4.29 -20.78
CA LYS B 128 17.75 3.59 -20.12
C LYS B 128 17.72 3.88 -18.63
N GLU B 129 18.87 3.68 -17.97
CA GLU B 129 18.98 4.00 -16.55
C GLU B 129 18.48 5.42 -16.27
N LEU B 130 18.95 6.39 -17.04
CA LEU B 130 18.59 7.78 -16.80
C LEU B 130 17.09 8.02 -17.00
N LEU B 131 16.48 7.35 -17.99
CA LEU B 131 15.03 7.49 -18.15
C LEU B 131 14.29 6.94 -16.93
N VAL B 132 14.77 5.82 -16.36
CA VAL B 132 14.19 5.24 -15.16
C VAL B 132 14.25 6.23 -14.00
N HIS B 133 15.35 6.98 -13.88
CA HIS B 133 15.48 7.99 -12.82
C HIS B 133 14.52 9.15 -13.06
N ASN B 134 14.32 9.54 -14.31
CA ASN B 134 13.54 10.74 -14.59
C ASN B 134 12.06 10.46 -14.81
N PHE B 135 11.70 9.41 -15.56
CA PHE B 135 10.29 9.22 -15.87
C PHE B 135 9.60 8.21 -14.99
N GLY B 136 10.35 7.30 -14.37
CA GLY B 136 9.84 6.66 -13.18
C GLY B 136 9.55 7.67 -12.09
N VAL B 137 8.72 7.26 -11.15
CA VAL B 137 8.37 8.08 -9.99
C VAL B 137 8.98 7.39 -8.77
N PRO B 138 9.80 8.08 -7.98
CA PRO B 138 10.43 7.39 -6.84
C PRO B 138 9.39 7.01 -5.79
N PRO B 139 9.63 5.92 -5.06
CA PRO B 139 8.86 5.58 -3.86
C PRO B 139 9.45 6.20 -2.60
N ASN B 140 8.66 6.90 -1.81
CA ASN B 140 7.30 7.26 -2.16
C ASN B 140 7.29 8.76 -2.10
N ALA B 141 7.73 9.37 -3.19
CA ALA B 141 7.79 10.82 -3.35
C ALA B 141 6.60 11.50 -2.72
N ARG B 142 6.86 12.58 -1.99
CA ARG B 142 5.80 13.52 -1.63
C ARG B 142 5.03 13.84 -2.91
N LYS B 143 3.70 13.83 -2.80
CA LYS B 143 2.72 14.09 -3.88
C LYS B 143 2.47 12.87 -4.76
N SER B 144 3.18 11.76 -4.58
CA SER B 144 2.76 10.57 -5.29
C SER B 144 1.41 10.07 -4.75
N LYS B 145 0.77 9.20 -5.51
CA LYS B 145 -0.49 8.59 -5.13
C LYS B 145 -0.37 7.08 -5.23
N PRO B 146 -1.22 6.33 -4.49
CA PRO B 146 -1.20 4.86 -4.62
C PRO B 146 -1.79 4.39 -5.94
N PHE B 147 -1.83 3.06 -6.10
CA PHE B 147 -2.40 2.33 -7.23
C PHE B 147 -1.56 2.47 -8.49
N ILE B 148 -1.59 1.43 -9.32
CA ILE B 148 -0.84 1.40 -10.57
C ILE B 148 -1.82 1.64 -11.69
N ASP B 149 -1.64 2.77 -12.38
CA ASP B 149 -2.58 3.39 -13.29
C ASP B 149 -2.16 3.35 -14.74
N HIS B 150 -0.87 3.33 -15.03
CA HIS B 150 -0.44 3.67 -16.38
C HIS B 150 0.96 3.18 -16.65
N VAL B 151 1.25 3.03 -17.95
CA VAL B 151 2.56 2.66 -18.49
C VAL B 151 3.10 3.80 -19.33
N MET B 152 4.37 4.09 -19.14
CA MET B 152 5.10 4.86 -20.13
C MET B 152 6.06 3.91 -20.83
N SER B 153 6.05 3.92 -22.15
CA SER B 153 6.76 2.93 -22.92
C SER B 153 7.82 3.60 -23.77
N PHE B 154 8.94 2.89 -23.92
CA PHE B 154 10.05 3.35 -24.72
C PHE B 154 10.41 2.23 -25.69
N SER B 155 10.41 2.54 -26.97
CA SER B 155 10.67 1.58 -28.02
C SER B 155 11.60 2.21 -29.04
N ILE B 156 12.57 1.45 -29.51
CA ILE B 156 13.57 1.97 -30.43
C ILE B 156 13.20 1.48 -31.82
N VAL B 157 12.82 2.43 -32.67
CA VAL B 157 12.40 2.16 -34.04
C VAL B 157 13.08 3.17 -34.94
N ASP B 158 13.83 2.68 -35.93
CA ASP B 158 14.59 3.52 -36.85
C ASP B 158 15.52 4.44 -36.09
N ASP B 159 16.22 3.87 -35.11
CA ASP B 159 17.27 4.58 -34.37
C ASP B 159 16.72 5.75 -33.57
N LYS B 160 15.43 5.76 -33.28
CA LYS B 160 14.81 6.80 -32.48
C LYS B 160 14.00 6.17 -31.35
N ILE B 161 13.86 6.92 -30.26
CA ILE B 161 13.14 6.46 -29.09
C ILE B 161 11.69 6.95 -29.19
N TRP B 162 10.74 6.03 -29.34
CA TRP B 162 9.33 6.36 -29.45
C TRP B 162 8.68 6.20 -28.07
N VAL B 163 8.04 7.26 -27.59
CA VAL B 163 7.48 7.34 -26.24
C VAL B 163 5.96 7.47 -26.30
N ARG B 164 5.25 6.58 -25.59
CA ARG B 164 3.79 6.69 -25.40
C ARG B 164 3.43 6.54 -23.92
N THR B 165 2.19 6.90 -23.60
CA THR B 165 1.68 6.80 -22.22
C THR B 165 0.28 6.20 -22.27
N TYR B 166 0.07 5.08 -21.56
CA TYR B 166 -1.20 4.35 -21.64
C TYR B 166 -1.85 4.21 -20.26
N GLU B 167 -3.16 4.44 -20.21
CA GLU B 167 -3.95 4.02 -19.06
C GLU B 167 -4.06 2.50 -19.04
N ILE B 168 -4.02 1.92 -17.85
CA ILE B 168 -4.22 0.49 -17.67
C ILE B 168 -5.71 0.26 -17.39
N SER B 169 -6.40 -0.34 -18.34
CA SER B 169 -7.86 -0.51 -18.26
C SER B 169 -8.14 -1.87 -17.66
N HIS B 170 -8.65 -1.87 -16.42
CA HIS B 170 -8.86 -3.02 -15.51
C HIS B 170 -7.57 -3.45 -14.76
N ILE B 185 -7.34 -7.01 -18.87
CA ILE B 185 -6.51 -5.80 -18.97
C ILE B 185 -6.19 -5.45 -20.42
N SER B 186 -6.44 -4.20 -20.77
CA SER B 186 -6.04 -3.63 -22.04
C SER B 186 -5.52 -2.22 -21.77
N LEU B 187 -5.12 -1.51 -22.83
CA LEU B 187 -4.54 -0.18 -22.68
C LEU B 187 -5.30 0.84 -23.52
N VAL B 188 -5.41 2.05 -23.00
CA VAL B 188 -5.96 3.17 -23.76
C VAL B 188 -5.02 4.35 -23.59
N GLU B 189 -4.65 4.98 -24.70
CA GLU B 189 -3.51 5.90 -24.71
C GLU B 189 -3.86 7.24 -24.07
N ILE B 190 -2.96 7.73 -23.21
CA ILE B 190 -3.15 9.00 -22.50
C ILE B 190 -2.62 10.18 -23.31
N GLY B 191 -1.43 10.05 -23.87
CA GLY B 191 -0.60 11.22 -24.10
C GLY B 191 0.25 11.51 -22.87
N PRO B 192 1.39 12.21 -23.03
CA PRO B 192 1.80 12.75 -24.32
C PRO B 192 2.46 11.68 -25.18
N ARG B 193 2.85 12.11 -26.36
CA ARG B 193 3.34 11.25 -27.42
C ARG B 193 4.44 12.04 -28.11
N PHE B 194 5.62 11.44 -28.26
CA PHE B 194 6.69 12.11 -28.97
C PHE B 194 7.80 11.12 -29.27
N VAL B 195 8.70 11.53 -30.16
CA VAL B 195 9.83 10.72 -30.62
C VAL B 195 11.11 11.47 -30.31
N MET B 196 12.08 10.77 -29.74
CA MET B 196 13.39 11.31 -29.38
C MET B 196 14.45 10.72 -30.31
N THR B 197 15.31 11.58 -30.85
CA THR B 197 16.50 11.12 -31.54
C THR B 197 17.71 11.64 -30.77
N VAL B 198 18.55 10.71 -30.31
CA VAL B 198 19.76 11.08 -29.57
C VAL B 198 20.67 11.91 -30.45
N ILE B 199 21.11 13.06 -29.93
CA ILE B 199 22.04 13.92 -30.63
C ILE B 199 23.46 13.72 -30.08
N LEU B 200 23.62 13.89 -28.78
CA LEU B 200 24.96 13.79 -28.21
C LEU B 200 24.87 13.49 -26.73
N ILE B 201 25.97 12.97 -26.20
CA ILE B 201 26.13 12.78 -24.78
C ILE B 201 27.42 13.47 -24.33
N LEU B 202 27.32 14.30 -23.31
CA LEU B 202 28.51 14.87 -22.70
C LEU B 202 28.98 14.01 -21.54
N GLU B 203 30.24 14.17 -21.17
CA GLU B 203 30.75 13.50 -19.99
C GLU B 203 30.23 14.17 -18.72
N GLY B 204 30.24 15.50 -18.69
CA GLY B 204 29.79 16.24 -17.54
C GLY B 204 28.34 16.67 -17.65
N SER B 205 27.95 17.57 -16.75
CA SER B 205 26.60 18.12 -16.74
C SER B 205 26.65 19.47 -17.44
N PHE B 206 26.21 19.49 -18.69
CA PHE B 206 26.21 20.70 -19.53
C PHE B 206 27.62 21.27 -19.68
N GLY B 207 28.61 20.39 -19.61
CA GLY B 207 30.01 20.73 -19.81
C GLY B 207 30.77 19.44 -20.04
N GLY B 208 32.07 19.59 -20.31
CA GLY B 208 32.90 18.43 -20.55
C GLY B 208 32.83 17.94 -21.99
N PRO B 209 33.67 16.96 -22.32
CA PRO B 209 33.77 16.50 -23.72
C PRO B 209 32.62 15.58 -24.11
N LYS B 210 32.44 15.45 -25.44
CA LYS B 210 31.43 14.58 -26.01
C LYS B 210 31.89 13.12 -25.97
N ILE B 211 31.12 12.26 -25.30
CA ILE B 211 31.43 10.83 -25.30
C ILE B 211 30.56 10.07 -26.30
N TYR B 212 29.58 10.72 -26.92
CA TYR B 212 28.81 10.08 -27.97
C TYR B 212 28.25 11.18 -28.84
N GLU B 213 28.09 10.86 -30.11
CA GLU B 213 27.56 11.78 -31.10
C GLU B 213 26.91 10.95 -32.18
N ASN B 214 25.65 11.27 -32.49
CA ASN B 214 24.89 10.52 -33.47
C ASN B 214 25.29 10.98 -34.86
N LYS B 215 25.81 10.04 -35.68
CA LYS B 215 26.32 10.39 -37.02
C LYS B 215 25.18 10.65 -38.00
N GLN B 216 24.02 10.02 -37.81
CA GLN B 216 22.87 10.15 -38.68
C GLN B 216 22.08 11.44 -38.47
N TYR B 217 22.20 12.09 -37.30
CA TYR B 217 21.35 13.22 -36.99
C TYR B 217 21.71 14.46 -37.80
N VAL B 218 20.69 15.13 -38.31
CA VAL B 218 20.85 16.35 -39.09
C VAL B 218 19.90 17.41 -38.54
N SER B 219 20.39 18.65 -38.45
CA SER B 219 19.65 19.72 -37.81
C SER B 219 18.29 19.92 -38.48
N PRO B 220 17.20 20.03 -37.70
CA PRO B 220 15.87 20.21 -38.31
C PRO B 220 15.76 21.42 -39.20
N ASN B 221 16.50 22.50 -38.91
CA ASN B 221 16.33 23.72 -39.71
C ASN B 221 16.93 23.58 -41.10
N VAL B 222 17.92 22.71 -41.28
CA VAL B 222 18.43 22.50 -42.64
C VAL B 222 17.62 21.45 -43.38
N VAL B 223 16.99 20.51 -42.69
CA VAL B 223 16.02 19.63 -43.33
C VAL B 223 14.84 20.43 -43.85
N ARG B 224 14.27 21.29 -43.00
CA ARG B 224 13.20 22.19 -43.45
C ARG B 224 13.66 23.03 -44.62
N ALA B 225 14.90 23.51 -44.56
CA ALA B 225 15.44 24.33 -45.64
C ALA B 225 15.43 23.57 -46.97
N GLN B 226 15.88 22.32 -46.96
CA GLN B 226 15.87 21.56 -48.20
C GLN B 226 14.44 21.27 -48.66
N ILE B 227 13.55 20.93 -47.72
CA ILE B 227 12.16 20.62 -48.11
C ILE B 227 11.50 21.83 -48.73
N LYS B 228 11.85 23.03 -48.26
CA LYS B 228 11.18 24.26 -48.70
C LYS B 228 11.50 24.58 -50.16
N GLN B 229 12.72 24.27 -50.60
CA GLN B 229 13.16 24.53 -51.96
C GLN B 229 12.89 23.30 -52.82
N GLN B 230 11.61 22.91 -52.83
CA GLN B 230 11.15 21.67 -53.42
C GLN B 230 11.93 20.50 -52.82
N VAL C 10 32.95 10.89 -30.11
CA VAL C 10 32.55 9.98 -31.17
C VAL C 10 32.55 8.53 -30.66
N ASN C 11 31.46 8.16 -29.98
CA ASN C 11 31.24 6.78 -29.50
C ASN C 11 32.37 6.32 -28.59
N ASN C 12 32.56 7.05 -27.50
CA ASN C 12 33.52 6.65 -26.48
C ASN C 12 32.84 5.62 -25.58
N THR C 13 32.95 4.35 -25.98
CA THR C 13 32.23 3.29 -25.28
C THR C 13 32.76 3.07 -23.86
N LYS C 14 34.05 3.34 -23.62
CA LYS C 14 34.58 3.16 -22.28
C LYS C 14 33.99 4.16 -21.30
N ALA C 15 34.01 5.45 -21.66
CA ALA C 15 33.41 6.46 -20.79
C ALA C 15 31.92 6.24 -20.63
N MET C 16 31.25 5.77 -21.68
CA MET C 16 29.84 5.45 -21.59
C MET C 16 29.58 4.30 -20.62
N LYS C 17 30.46 3.29 -20.60
CA LYS C 17 30.41 2.24 -19.57
C LYS C 17 30.63 2.80 -18.16
N HIS C 18 31.63 3.67 -18.00
CA HIS C 18 31.93 4.19 -16.66
C HIS C 18 30.80 5.07 -16.12
N ALA C 19 30.18 5.88 -16.98
CA ALA C 19 29.06 6.69 -16.53
C ALA C 19 27.90 5.82 -16.07
N LEU C 20 27.58 4.78 -16.83
CA LEU C 20 26.52 3.88 -16.40
C LEU C 20 26.84 3.30 -15.03
N GLU C 21 28.09 2.90 -14.81
CA GLU C 21 28.50 2.31 -13.54
C GLU C 21 28.49 3.33 -12.42
N ARG C 22 28.98 4.54 -12.68
CA ARG C 22 28.90 5.61 -11.68
C ARG C 22 27.47 5.84 -11.23
N VAL C 23 26.53 5.83 -12.16
CA VAL C 23 25.25 6.48 -11.94
C VAL C 23 24.11 5.52 -11.67
N GLN C 24 24.23 4.26 -12.09
CA GLN C 24 23.12 3.33 -11.92
C GLN C 24 22.89 3.03 -10.45
N LEU C 25 21.63 2.76 -10.11
CA LEU C 25 21.30 2.35 -8.76
C LEU C 25 21.35 0.82 -8.64
N PRO C 26 21.59 0.29 -7.53
CA PRO C 26 21.69 -1.19 -7.43
C PRO C 26 20.35 -1.91 -7.32
N TRP C 27 19.63 -2.00 -8.45
CA TRP C 27 18.28 -2.55 -8.46
C TRP C 27 18.24 -4.00 -7.98
N LYS C 28 19.27 -4.78 -8.31
CA LYS C 28 19.22 -6.22 -8.05
C LYS C 28 19.24 -6.56 -6.55
N LYS C 29 19.63 -5.65 -5.67
CA LYS C 29 19.62 -5.94 -4.24
C LYS C 29 18.32 -5.54 -3.56
N HIS C 30 17.30 -5.15 -4.33
CA HIS C 30 16.11 -4.53 -3.76
C HIS C 30 14.88 -4.97 -4.54
N SER C 31 13.74 -4.63 -3.96
CA SER C 31 12.44 -5.03 -4.48
C SER C 31 12.11 -4.36 -5.81
N PHE C 32 11.27 -5.03 -6.61
CA PHE C 32 10.90 -4.53 -7.92
C PHE C 32 10.12 -3.22 -7.84
N GLN C 33 9.50 -2.95 -6.70
CA GLN C 33 8.76 -1.72 -6.51
C GLN C 33 9.63 -0.48 -6.59
N GLU C 34 10.94 -0.61 -6.37
CA GLU C 34 11.82 0.56 -6.44
C GLU C 34 11.75 1.23 -7.80
N HIS C 35 11.70 0.44 -8.87
CA HIS C 35 11.76 0.98 -10.22
C HIS C 35 10.52 0.69 -11.06
N GLN C 36 9.82 -0.41 -10.82
CA GLN C 36 8.65 -0.80 -11.61
C GLN C 36 8.96 -0.77 -13.10
N SER C 37 10.18 -1.14 -13.46
CA SER C 37 10.64 -1.15 -14.85
C SER C 37 10.79 -2.57 -15.36
N VAL C 38 10.34 -2.79 -16.60
CA VAL C 38 10.42 -4.07 -17.27
C VAL C 38 10.98 -3.83 -18.67
N THR C 39 11.99 -4.58 -19.04
CA THR C 39 12.50 -4.51 -20.39
C THR C 39 12.02 -5.75 -21.14
N SER C 40 11.71 -5.57 -22.42
CA SER C 40 11.21 -6.65 -23.24
C SER C 40 12.32 -7.64 -23.56
N GLU C 41 11.94 -8.89 -23.82
CA GLU C 41 12.92 -9.90 -24.23
C GLU C 41 13.31 -9.72 -25.70
N THR C 42 12.36 -9.45 -26.56
CA THR C 42 12.63 -9.28 -27.99
C THR C 42 12.68 -7.80 -28.35
N ASN C 43 13.41 -7.52 -29.41
CA ASN C 43 13.40 -6.20 -30.02
C ASN C 43 12.02 -5.89 -30.58
N THR C 44 11.46 -4.75 -30.19
CA THR C 44 10.23 -4.28 -30.79
C THR C 44 10.49 -3.88 -32.25
N ASP C 45 11.29 -4.65 -32.96
CA ASP C 45 11.63 -4.31 -34.32
C ASP C 45 11.19 -5.34 -35.34
N GLU C 46 11.13 -6.62 -34.97
CA GLU C 46 10.18 -7.49 -35.67
C GLU C 46 8.78 -7.07 -35.26
N HIS C 47 7.78 -7.68 -35.89
CA HIS C 47 6.38 -7.26 -35.80
C HIS C 47 6.17 -5.88 -36.42
N ILE C 48 7.19 -5.32 -37.07
CA ILE C 48 7.08 -4.04 -37.76
C ILE C 48 7.66 -4.23 -39.15
N LYS C 49 6.79 -4.31 -40.16
CA LYS C 49 7.21 -4.46 -41.54
C LYS C 49 7.44 -3.11 -42.20
N ASP C 50 6.52 -2.16 -42.05
CA ASP C 50 6.77 -0.79 -42.48
C ASP C 50 6.70 0.12 -41.25
N ILE C 51 7.89 0.51 -40.79
CA ILE C 51 8.12 1.51 -39.76
C ILE C 51 7.13 2.66 -39.86
N TYR C 52 6.68 2.97 -41.07
CA TYR C 52 5.84 4.13 -41.29
C TYR C 52 4.36 3.78 -41.45
N ASP C 53 3.99 2.51 -41.27
CA ASP C 53 2.56 2.17 -41.19
C ASP C 53 2.10 2.41 -39.76
N ASP C 54 1.22 3.39 -39.57
CA ASP C 54 0.88 3.84 -38.22
C ASP C 54 0.22 2.73 -37.43
N THR C 55 -0.80 2.06 -38.00
CA THR C 55 -1.52 1.10 -37.18
C THR C 55 -0.68 -0.13 -36.87
N GLU C 56 0.26 -0.49 -37.75
CA GLU C 56 1.08 -1.67 -37.48
C GLU C 56 2.09 -1.37 -36.36
N ARG C 57 2.71 -0.20 -36.39
CA ARG C 57 3.76 0.09 -35.42
C ARG C 57 3.16 0.44 -34.05
N GLU C 58 2.01 1.12 -34.01
CA GLU C 58 1.37 1.44 -32.74
C GLU C 58 0.97 0.16 -31.99
N LEU C 59 0.52 -0.86 -32.73
CA LEU C 59 0.16 -2.12 -32.09
C LEU C 59 1.37 -2.80 -31.46
N ALA C 60 2.53 -2.69 -32.11
CA ALA C 60 3.79 -3.17 -31.51
C ALA C 60 4.11 -2.43 -30.22
N PHE C 61 4.00 -1.10 -30.21
CA PHE C 61 4.19 -0.34 -28.96
C PHE C 61 3.21 -0.81 -27.89
N TYR C 62 1.92 -0.78 -28.21
CA TYR C 62 0.86 -1.31 -27.35
C TYR C 62 1.22 -2.68 -26.79
N LYS C 63 1.70 -3.60 -27.65
CA LYS C 63 2.00 -4.96 -27.21
C LYS C 63 3.15 -4.98 -26.21
N GLN C 64 4.26 -4.31 -26.53
CA GLN C 64 5.36 -4.19 -25.59
C GLN C 64 4.87 -3.67 -24.24
N SER C 65 3.97 -2.68 -24.26
CA SER C 65 3.50 -2.11 -23.01
C SER C 65 2.60 -3.06 -22.26
N LEU C 66 1.77 -3.82 -22.97
CA LEU C 66 0.83 -4.69 -22.30
C LEU C 66 1.55 -5.78 -21.54
N ASP C 67 2.51 -6.45 -22.17
CA ASP C 67 3.19 -7.50 -21.42
C ASP C 67 4.00 -6.94 -20.27
N ALA C 68 4.52 -5.72 -20.40
CA ALA C 68 5.18 -5.12 -19.25
C ALA C 68 4.19 -4.97 -18.10
N VAL C 69 3.00 -4.45 -18.41
CA VAL C 69 1.95 -4.29 -17.40
C VAL C 69 1.65 -5.63 -16.72
N LEU C 70 1.49 -6.70 -17.51
CA LEU C 70 1.19 -8.02 -16.96
C LEU C 70 2.32 -8.52 -16.07
N VAL C 71 3.57 -8.40 -16.56
CA VAL C 71 4.73 -8.72 -15.74
C VAL C 71 4.69 -7.94 -14.45
N ALA C 72 4.45 -6.64 -14.55
CA ALA C 72 4.50 -5.80 -13.37
C ALA C 72 3.35 -6.12 -12.42
N ARG C 73 2.20 -6.56 -12.95
CA ARG C 73 1.09 -6.90 -12.08
C ARG C 73 1.37 -8.19 -11.32
N ASP C 74 2.04 -9.15 -11.98
CA ASP C 74 2.54 -10.35 -11.31
C ASP C 74 3.42 -10.00 -10.13
N GLU C 75 4.45 -9.19 -10.36
CA GLU C 75 5.42 -8.96 -9.30
C GLU C 75 4.85 -8.09 -8.18
N LEU C 76 3.94 -7.17 -8.49
CA LEU C 76 3.44 -6.30 -7.43
C LEU C 76 2.37 -6.98 -6.57
N LYS C 77 1.57 -7.90 -7.16
CA LYS C 77 0.67 -8.72 -6.35
C LYS C 77 1.46 -9.61 -5.39
N ARG C 78 2.58 -10.14 -5.86
CA ARG C 78 3.52 -10.88 -5.02
C ARG C 78 3.98 -10.07 -3.82
N LEU C 79 4.17 -8.76 -4.00
CA LEU C 79 4.60 -7.87 -2.93
C LEU C 79 3.43 -7.26 -2.18
N LYS C 80 2.19 -7.61 -2.54
CA LYS C 80 1.00 -7.06 -1.90
C LYS C 80 1.00 -5.53 -1.94
N VAL C 81 1.46 -5.00 -3.06
CA VAL C 81 1.32 -3.57 -3.36
C VAL C 81 -0.02 -3.37 -4.04
N PRO C 82 -0.88 -2.49 -3.54
CA PRO C 82 -2.18 -2.26 -4.20
C PRO C 82 -1.98 -1.88 -5.65
N PHE C 83 -2.71 -2.55 -6.55
CA PHE C 83 -2.48 -2.38 -7.99
C PHE C 83 -3.67 -1.73 -8.68
N LYS C 84 -4.82 -2.41 -8.74
CA LYS C 84 -5.95 -1.91 -9.53
C LYS C 84 -6.58 -0.68 -8.87
N ARG C 85 -6.74 0.38 -9.64
CA ARG C 85 -7.37 1.58 -9.11
C ARG C 85 -8.89 1.34 -9.01
N PRO C 86 -9.48 1.48 -7.82
CA PRO C 86 -10.92 1.24 -7.69
C PRO C 86 -11.74 2.24 -8.51
N LEU C 87 -12.85 1.75 -9.07
CA LEU C 87 -13.82 2.66 -9.67
C LEU C 87 -14.27 3.73 -8.68
N ASP C 88 -14.11 3.47 -7.40
CA ASP C 88 -14.63 4.30 -6.32
C ASP C 88 -13.63 5.33 -5.78
N TYR C 89 -12.41 5.36 -6.32
CA TYR C 89 -11.33 6.16 -5.74
C TYR C 89 -11.29 7.50 -6.46
N PHE C 90 -11.62 8.56 -5.73
CA PHE C 90 -11.81 9.88 -6.33
C PHE C 90 -10.67 10.80 -5.88
N ALA C 91 -9.60 10.79 -6.66
CA ALA C 91 -8.46 11.66 -6.46
C ALA C 91 -8.23 12.46 -7.72
N GLU C 92 -7.37 13.45 -7.62
CA GLU C 92 -7.12 14.30 -8.77
C GLU C 92 -6.55 13.46 -9.91
N MET C 93 -7.19 13.55 -11.07
CA MET C 93 -6.72 12.84 -12.25
C MET C 93 -5.97 13.81 -13.16
N VAL C 94 -5.33 13.26 -14.17
CA VAL C 94 -4.50 14.08 -15.04
C VAL C 94 -5.35 14.90 -16.04
N LYS C 95 -6.56 14.45 -16.36
CA LYS C 95 -7.53 15.22 -17.12
C LYS C 95 -8.85 15.24 -16.37
N SER C 96 -9.66 16.26 -16.61
CA SER C 96 -10.90 16.37 -15.86
C SER C 96 -11.97 15.45 -16.44
N ASP C 97 -13.02 15.22 -15.64
CA ASP C 97 -14.12 14.36 -16.05
C ASP C 97 -15.00 15.05 -17.08
N GLU C 98 -15.21 16.36 -16.92
CA GLU C 98 -15.78 17.16 -18.00
C GLU C 98 -15.04 16.91 -19.30
N HIS C 99 -13.71 17.10 -19.28
CA HIS C 99 -12.89 16.88 -20.47
C HIS C 99 -13.09 15.48 -21.04
N MET C 100 -13.11 14.45 -20.17
CA MET C 100 -13.33 13.09 -20.64
C MET C 100 -14.71 12.93 -21.29
N ASP C 101 -15.72 13.62 -20.74
CA ASP C 101 -17.07 13.47 -21.27
C ASP C 101 -17.24 14.19 -22.61
N LYS C 102 -16.76 15.43 -22.70
CA LYS C 102 -16.81 16.13 -23.97
C LYS C 102 -16.09 15.37 -25.08
N ILE C 103 -14.93 14.81 -24.76
CA ILE C 103 -14.19 14.06 -25.77
C ILE C 103 -15.01 12.91 -26.31
N LYS C 104 -15.94 12.38 -25.51
CA LYS C 104 -16.81 11.31 -25.91
C LYS C 104 -18.20 11.79 -26.32
N GLY C 105 -18.41 13.12 -26.38
CA GLY C 105 -19.69 13.65 -26.78
C GLY C 105 -20.82 13.34 -25.82
N LYS C 106 -20.50 12.91 -24.61
CA LYS C 106 -21.50 12.61 -23.60
C LYS C 106 -22.06 13.91 -22.99
N LEU C 107 -23.33 13.85 -22.58
CA LEU C 107 -23.95 14.97 -21.90
C LEU C 107 -23.51 14.99 -20.43
N ILE C 108 -23.15 16.17 -19.96
CA ILE C 108 -22.58 16.32 -18.62
C ILE C 108 -23.65 16.51 -17.57
N GLN D 1 10.83 -4.34 5.11
CA GLN D 1 9.54 -4.98 5.31
C GLN D 1 8.75 -4.22 6.40
N PHE D 2 8.24 -4.93 7.38
CA PHE D 2 7.55 -4.33 8.52
C PHE D 2 8.11 -4.93 9.79
N MET D 3 7.97 -4.18 10.88
CA MET D 3 8.48 -4.61 12.18
C MET D 3 7.57 -5.63 12.84
N ASN D 4 6.26 -5.52 12.63
CA ASN D 4 5.26 -6.30 13.37
C ASN D 4 4.96 -7.61 12.64
N LYS D 5 5.48 -8.71 13.18
CA LYS D 5 5.30 -10.05 12.65
C LYS D 5 4.59 -10.91 13.69
N GLN D 6 3.47 -11.52 13.32
CA GLN D 6 2.67 -12.33 14.26
C GLN D 6 2.14 -13.60 13.60
N ARG D 7 2.27 -14.72 14.30
CA ARG D 7 1.55 -15.94 13.94
C ARG D 7 0.98 -16.53 15.22
N THR D 8 -0.33 -16.76 15.25
CA THR D 8 -1.03 -17.18 16.46
C THR D 8 -1.56 -18.59 16.32
N LEU D 9 -1.23 -19.44 17.30
CA LEU D 9 -1.83 -20.78 17.35
C LEU D 9 -3.25 -20.67 17.92
N LEU D 10 -4.22 -21.14 17.16
CA LEU D 10 -5.63 -21.08 17.51
C LEU D 10 -6.05 -22.50 17.78
N ILE D 11 -6.33 -22.81 19.05
CA ILE D 11 -6.54 -24.19 19.45
C ILE D 11 -7.50 -24.22 20.63
N SER D 12 -8.23 -25.33 20.75
CA SER D 12 -9.24 -25.49 21.79
C SER D 12 -9.09 -26.86 22.46
N SER D 13 -9.70 -26.98 23.63
CA SER D 13 -9.80 -28.28 24.28
C SER D 13 -10.96 -29.08 23.68
N ARG D 14 -11.05 -30.35 24.10
CA ARG D 14 -12.26 -31.11 23.81
C ARG D 14 -13.45 -30.50 24.54
N GLY D 15 -14.64 -30.72 24.01
CA GLY D 15 -15.85 -30.34 24.71
C GLY D 15 -16.41 -28.96 24.40
N VAL D 16 -15.85 -28.26 23.42
CA VAL D 16 -16.36 -26.92 23.10
C VAL D 16 -17.79 -27.01 22.58
N ASN D 17 -18.64 -26.05 23.00
CA ASN D 17 -20.02 -25.90 22.55
C ASN D 17 -20.11 -25.71 21.04
N TYR D 18 -21.33 -25.87 20.52
CA TYR D 18 -21.62 -25.34 19.20
C TYR D 18 -21.34 -23.84 19.16
N ARG D 19 -21.80 -23.12 20.18
CA ARG D 19 -21.53 -21.67 20.27
C ARG D 19 -20.04 -21.39 20.40
N HIS D 20 -19.33 -22.18 21.21
CA HIS D 20 -17.88 -22.07 21.28
C HIS D 20 -17.25 -22.31 19.91
N ARG D 21 -17.67 -23.37 19.21
CA ARG D 21 -17.09 -23.67 17.91
C ARG D 21 -17.28 -22.51 16.95
N HIS D 22 -18.44 -21.84 17.03
CA HIS D 22 -18.73 -20.76 16.10
C HIS D 22 -17.76 -19.59 16.31
N LEU D 23 -17.47 -19.25 17.56
CA LEU D 23 -16.53 -18.19 17.88
C LEU D 23 -15.15 -18.50 17.37
N ILE D 24 -14.68 -19.73 17.58
CA ILE D 24 -13.39 -20.14 17.01
C ILE D 24 -13.39 -19.91 15.51
N GLN D 25 -14.46 -20.34 14.85
CA GLN D 25 -14.56 -20.14 13.40
C GLN D 25 -14.57 -18.66 13.06
N ASP D 26 -15.26 -17.85 13.88
CA ASP D 26 -15.29 -16.41 13.65
C ASP D 26 -13.90 -15.81 13.76
N LEU D 27 -13.18 -16.15 14.82
CA LEU D 27 -11.83 -15.61 14.97
C LEU D 27 -10.92 -16.10 13.85
N SER D 28 -11.07 -17.36 13.42
CA SER D 28 -10.23 -17.88 12.35
C SER D 28 -10.40 -17.07 11.07
N GLY D 29 -11.66 -16.77 10.71
CA GLY D 29 -11.89 -15.88 9.58
C GLY D 29 -11.38 -14.47 9.82
N LEU D 30 -11.59 -13.93 11.03
CA LEU D 30 -11.18 -12.56 11.29
C LEU D 30 -9.67 -12.39 11.42
N LEU D 31 -8.92 -13.46 11.69
CA LEU D 31 -7.49 -13.40 11.95
C LEU D 31 -6.75 -14.28 10.95
N PRO D 32 -6.40 -13.75 9.77
CA PRO D 32 -5.69 -14.60 8.79
C PRO D 32 -4.31 -15.06 9.26
N HIS D 33 -3.71 -14.42 10.26
CA HIS D 33 -2.47 -14.91 10.86
C HIS D 33 -2.68 -16.02 11.89
N SER D 34 -3.91 -16.38 12.19
CA SER D 34 -4.12 -17.50 13.09
C SER D 34 -3.96 -18.81 12.34
N ARG D 35 -3.55 -19.85 13.05
CA ARG D 35 -3.43 -21.18 12.46
C ARG D 35 -4.25 -22.13 13.34
N LYS D 36 -5.36 -22.62 12.81
CA LYS D 36 -6.27 -23.44 13.58
C LYS D 36 -5.80 -24.89 13.54
N GLU D 37 -5.55 -25.44 14.71
CA GLU D 37 -4.94 -26.76 14.81
C GLU D 37 -5.87 -27.77 15.44
N PRO D 38 -5.57 -29.07 15.36
CA PRO D 38 -6.42 -30.05 16.06
C PRO D 38 -6.35 -29.84 17.57
N LYS D 39 -7.43 -30.24 18.24
CA LYS D 39 -7.61 -30.01 19.67
C LYS D 39 -6.49 -30.61 20.51
N LEU D 40 -6.19 -29.95 21.63
CA LEU D 40 -5.30 -30.51 22.65
C LEU D 40 -5.84 -31.84 23.19
N ASP D 45 0.82 -31.34 30.93
CA ASP D 45 -0.51 -30.89 30.50
C ASP D 45 -0.43 -29.63 29.64
N LEU D 46 -1.03 -28.52 30.08
CA LEU D 46 -1.11 -27.32 29.23
C LEU D 46 0.26 -26.79 28.82
N GLN D 47 1.32 -27.18 29.55
CA GLN D 47 2.68 -26.88 29.10
C GLN D 47 2.94 -27.45 27.70
N GLN D 48 2.27 -28.53 27.32
CA GLN D 48 2.47 -29.10 25.99
C GLN D 48 2.05 -28.17 24.86
N LEU D 49 1.40 -27.03 25.16
CA LEU D 49 1.07 -26.05 24.13
C LEU D 49 2.28 -25.24 23.68
N ASN D 50 3.38 -25.30 24.42
CA ASN D 50 4.60 -24.64 23.96
C ASN D 50 5.23 -25.42 22.82
N GLU D 51 5.23 -26.73 22.93
CA GLU D 51 5.80 -27.55 21.86
C GLU D 51 4.95 -27.45 20.60
N ILE D 52 3.63 -27.55 20.74
CA ILE D 52 2.75 -27.46 19.58
C ILE D 52 2.94 -26.12 18.86
N ALA D 53 3.07 -25.02 19.63
CA ALA D 53 3.31 -23.74 18.97
C ALA D 53 4.65 -23.73 18.24
N GLU D 54 5.64 -24.46 18.75
CA GLU D 54 6.90 -24.52 18.02
C GLU D 54 6.77 -25.39 16.78
N LEU D 55 5.90 -26.41 16.81
CA LEU D 55 5.69 -27.25 15.64
C LEU D 55 5.16 -26.42 14.47
N TYR D 56 4.18 -25.56 14.72
CA TYR D 56 3.61 -24.70 13.69
C TYR D 56 4.21 -23.29 13.69
N ASN D 57 5.31 -23.08 14.41
CA ASN D 57 6.06 -21.83 14.43
C ASN D 57 5.16 -20.62 14.69
N CYS D 58 4.48 -20.65 15.84
CA CYS D 58 3.63 -19.55 16.29
C CYS D 58 4.24 -18.90 17.51
N ASN D 59 4.22 -17.57 17.54
CA ASN D 59 4.76 -16.85 18.70
C ASN D 59 3.70 -16.36 19.67
N ASN D 60 2.43 -16.69 19.42
CA ASN D 60 1.29 -16.39 20.29
C ASN D 60 0.45 -17.66 20.40
N VAL D 61 -0.30 -17.82 21.50
CA VAL D 61 -1.31 -18.88 21.56
C VAL D 61 -2.66 -18.30 21.99
N LEU D 62 -3.70 -18.69 21.26
CA LEU D 62 -5.09 -18.48 21.66
C LEU D 62 -5.66 -19.88 21.90
N PHE D 63 -5.74 -20.27 23.17
CA PHE D 63 -6.22 -21.57 23.58
C PHE D 63 -7.57 -21.40 24.26
N PHE D 64 -8.62 -21.96 23.67
CA PHE D 64 -9.97 -21.90 24.24
C PHE D 64 -10.26 -23.20 25.03
N GLU D 65 -10.53 -23.04 26.32
CA GLU D 65 -10.74 -24.15 27.23
C GLU D 65 -12.21 -24.21 27.62
N ALA D 66 -12.90 -25.29 27.26
CA ALA D 66 -14.29 -25.49 27.63
C ALA D 66 -14.40 -26.47 28.79
N ARG D 67 -15.27 -26.15 29.74
CA ARG D 67 -15.55 -27.01 30.89
C ARG D 67 -17.04 -27.23 31.03
N LYS D 68 -17.41 -28.47 31.33
CA LYS D 68 -18.80 -28.84 31.57
C LYS D 68 -19.70 -28.49 30.40
N HIS D 69 -19.12 -28.36 29.20
CA HIS D 69 -19.83 -28.09 27.96
C HIS D 69 -20.53 -26.73 27.97
N GLN D 70 -20.14 -25.82 28.86
CA GLN D 70 -20.84 -24.54 28.97
C GLN D 70 -19.91 -23.37 29.32
N ASP D 71 -18.87 -23.59 30.11
CA ASP D 71 -17.98 -22.50 30.48
C ASP D 71 -16.77 -22.47 29.54
N LEU D 72 -16.51 -21.30 28.98
CA LEU D 72 -15.43 -21.09 28.02
C LEU D 72 -14.38 -20.21 28.66
N TYR D 73 -13.13 -20.65 28.63
CA TYR D 73 -12.02 -19.82 29.07
C TYR D 73 -11.06 -19.62 27.90
N LEU D 74 -10.43 -18.46 27.88
CA LEU D 74 -9.42 -18.14 26.89
C LEU D 74 -8.07 -17.96 27.59
N TRP D 75 -7.08 -18.73 27.15
CA TRP D 75 -5.71 -18.60 27.63
C TRP D 75 -4.90 -17.98 26.51
N LEU D 76 -4.27 -16.85 26.80
CA LEU D 76 -3.50 -16.09 25.84
C LEU D 76 -2.05 -16.04 26.33
N SER D 77 -1.12 -16.51 25.51
CA SER D 77 0.27 -16.55 25.95
C SER D 77 1.24 -16.25 24.81
N LYS D 78 2.50 -16.11 25.22
CA LYS D 78 3.65 -15.92 24.35
C LYS D 78 4.60 -17.09 24.57
N PRO D 79 4.50 -18.16 23.76
CA PRO D 79 5.36 -19.32 23.99
C PRO D 79 6.79 -19.06 23.49
N PRO D 80 7.79 -19.65 24.17
CA PRO D 80 7.59 -20.54 25.30
C PRO D 80 7.91 -19.93 26.67
N ASN D 81 8.20 -18.62 26.70
CA ASN D 81 8.67 -17.97 27.92
C ASN D 81 7.57 -17.21 28.67
N GLY D 82 6.40 -17.04 28.07
CA GLY D 82 5.32 -16.33 28.73
C GLY D 82 5.30 -14.86 28.41
N PRO D 83 4.42 -14.09 29.07
CA PRO D 83 3.49 -14.52 30.11
C PRO D 83 2.25 -15.22 29.55
N THR D 84 1.27 -15.46 30.43
CA THR D 84 0.01 -16.09 30.10
C THR D 84 -1.11 -15.31 30.78
N ILE D 85 -2.16 -14.98 30.03
CA ILE D 85 -3.39 -14.46 30.60
C ILE D 85 -4.45 -15.54 30.53
N LYS D 86 -5.22 -15.67 31.61
CA LYS D 86 -6.40 -16.53 31.61
C LYS D 86 -7.63 -15.65 31.80
N PHE D 87 -8.58 -15.76 30.87
CA PHE D 87 -9.81 -15.00 30.88
C PHE D 87 -11.00 -15.94 31.04
N TYR D 88 -12.05 -15.45 31.68
CA TYR D 88 -13.36 -16.11 31.64
C TYR D 88 -14.26 -15.35 30.66
N ILE D 89 -14.74 -16.06 29.64
CA ILE D 89 -15.56 -15.50 28.55
C ILE D 89 -17.04 -15.67 28.90
N GLN D 90 -17.80 -14.57 28.87
CA GLN D 90 -19.25 -14.66 29.02
C GLN D 90 -19.93 -13.79 27.96
N ASN D 91 -21.28 -13.79 27.97
CA ASN D 91 -22.08 -12.96 27.07
C ASN D 91 -21.70 -13.18 25.59
N LEU D 92 -21.55 -14.45 25.22
CA LEU D 92 -21.04 -14.75 23.88
C LEU D 92 -22.17 -14.68 22.85
N HIS D 93 -21.97 -13.89 21.80
CA HIS D 93 -22.92 -13.83 20.69
C HIS D 93 -22.13 -13.81 19.39
N THR D 94 -22.25 -14.87 18.61
CA THR D 94 -21.42 -15.07 17.44
C THR D 94 -22.01 -14.36 16.23
N MET D 95 -21.15 -14.10 15.24
CA MET D 95 -21.52 -13.22 14.13
C MET D 95 -22.62 -13.83 13.27
N ASP D 96 -22.82 -15.13 13.41
CA ASP D 96 -24.01 -15.89 13.03
C ASP D 96 -25.34 -15.18 13.26
N GLU D 97 -25.45 -14.41 14.34
CA GLU D 97 -26.75 -14.17 14.94
C GLU D 97 -27.56 -13.04 14.30
N LEU D 98 -28.86 -13.06 14.60
CA LEU D 98 -29.88 -12.35 13.82
C LEU D 98 -29.61 -10.86 13.67
N ASN D 99 -29.26 -10.21 14.77
CA ASN D 99 -29.22 -8.75 14.78
C ASN D 99 -27.89 -8.18 14.32
N PHE D 100 -26.97 -9.01 13.83
CA PHE D 100 -25.68 -8.52 13.33
C PHE D 100 -25.76 -8.40 11.81
N THR D 101 -25.98 -7.19 11.31
CA THR D 101 -26.05 -6.96 9.88
C THR D 101 -24.77 -6.36 9.30
N GLY D 102 -23.69 -6.29 10.09
CA GLY D 102 -22.40 -5.94 9.53
C GLY D 102 -21.73 -7.12 8.84
N ASN D 103 -20.99 -6.81 7.78
CA ASN D 103 -20.12 -7.77 7.13
C ASN D 103 -18.80 -7.08 6.83
N CYS D 104 -17.74 -7.87 6.70
CA CYS D 104 -16.42 -7.30 6.38
C CYS D 104 -15.64 -8.30 5.56
N LEU D 105 -14.50 -7.83 5.05
CA LEU D 105 -13.60 -8.69 4.29
C LEU D 105 -12.99 -9.74 5.18
N LYS D 106 -12.96 -10.97 4.68
CA LYS D 106 -12.22 -12.02 5.35
C LYS D 106 -10.73 -11.73 5.20
N GLY D 107 -10.08 -11.34 6.28
CA GLY D 107 -8.65 -11.14 6.28
C GLY D 107 -8.20 -9.70 6.13
N SER D 108 -9.10 -8.74 6.00
CA SER D 108 -8.63 -7.36 5.99
C SER D 108 -8.12 -6.96 7.37
N ARG D 109 -7.33 -5.90 7.41
CA ARG D 109 -6.62 -5.51 8.63
C ARG D 109 -7.48 -4.57 9.47
N PRO D 110 -7.92 -4.96 10.65
CA PRO D 110 -8.83 -4.10 11.42
C PRO D 110 -8.11 -2.94 12.07
N VAL D 111 -8.90 -1.90 12.37
CA VAL D 111 -8.55 -0.93 13.41
C VAL D 111 -8.87 -1.53 14.78
N LEU D 112 -8.01 -1.29 15.75
CA LEU D 112 -8.25 -1.70 17.12
C LEU D 112 -8.52 -0.46 17.96
N SER D 113 -9.65 -0.43 18.65
CA SER D 113 -10.00 0.67 19.55
C SER D 113 -9.81 0.21 21.01
N PHE D 114 -9.02 0.95 21.79
CA PHE D 114 -8.79 0.62 23.19
C PHE D 114 -9.28 1.73 24.11
N ASP D 115 -10.00 1.35 25.13
CA ASP D 115 -10.38 2.24 26.21
C ASP D 115 -9.13 2.88 26.82
N GLN D 116 -9.23 4.17 27.18
CA GLN D 116 -8.20 4.79 28.00
C GLN D 116 -7.88 3.96 29.24
N ARG D 117 -8.90 3.27 29.78
CA ARG D 117 -8.73 2.44 30.97
C ARG D 117 -7.62 1.41 30.81
N PHE D 118 -7.26 1.03 29.58
CA PHE D 118 -6.19 0.04 29.45
C PHE D 118 -4.85 0.60 29.91
N GLU D 119 -4.70 1.91 29.96
CA GLU D 119 -3.46 2.50 30.44
C GLU D 119 -3.46 2.72 31.96
N SER D 120 -4.45 2.21 32.67
CA SER D 120 -4.70 2.61 34.06
C SER D 120 -3.99 1.76 35.11
N SER D 121 -3.65 0.52 34.80
CA SER D 121 -2.97 -0.36 35.74
C SER D 121 -2.01 -1.26 34.99
N PRO D 122 -0.97 -1.76 35.66
CA PRO D 122 0.03 -2.57 34.93
C PRO D 122 -0.56 -3.84 34.31
N HIS D 123 -1.53 -4.49 34.96
CA HIS D 123 -2.08 -5.71 34.36
C HIS D 123 -2.91 -5.39 33.12
N TYR D 124 -3.59 -4.24 33.08
CA TYR D 124 -4.29 -3.85 31.85
C TYR D 124 -3.32 -3.45 30.75
N GLN D 125 -2.16 -2.87 31.12
CA GLN D 125 -1.23 -2.41 30.10
C GLN D 125 -0.57 -3.58 29.39
N LEU D 126 -0.40 -4.70 30.09
CA LEU D 126 0.22 -5.90 29.53
C LEU D 126 -0.76 -6.64 28.64
N ILE D 127 -2.03 -6.69 29.08
CA ILE D 127 -3.09 -7.27 28.28
C ILE D 127 -3.29 -6.50 26.99
N LYS D 128 -3.26 -5.15 27.06
CA LYS D 128 -3.45 -4.35 25.86
C LYS D 128 -2.43 -4.71 24.79
N GLU D 129 -1.14 -4.69 25.15
CA GLU D 129 -0.10 -5.09 24.21
C GLU D 129 -0.36 -6.48 23.65
N LEU D 130 -0.77 -7.42 24.49
CA LEU D 130 -0.98 -8.78 24.03
C LEU D 130 -2.18 -8.89 23.12
N LEU D 131 -3.21 -8.08 23.33
CA LEU D 131 -4.38 -8.15 22.46
C LEU D 131 -4.05 -7.60 21.09
N VAL D 132 -3.14 -6.63 21.02
CA VAL D 132 -2.70 -6.06 19.74
C VAL D 132 -1.99 -7.12 18.90
N HIS D 133 -1.07 -7.86 19.52
CA HIS D 133 -0.35 -8.90 18.79
C HIS D 133 -1.30 -9.98 18.28
N ASN D 134 -2.36 -10.27 19.04
CA ASN D 134 -3.22 -11.39 18.70
C ASN D 134 -4.42 -11.00 17.86
N PHE D 135 -5.10 -9.90 18.20
CA PHE D 135 -6.32 -9.50 17.52
C PHE D 135 -6.11 -8.48 16.43
N GLY D 136 -5.02 -7.71 16.48
CA GLY D 136 -4.57 -7.04 15.28
C GLY D 136 -4.16 -8.04 14.22
N VAL D 137 -4.10 -7.55 12.98
CA VAL D 137 -3.58 -8.36 11.88
C VAL D 137 -2.25 -7.77 11.49
N PRO D 138 -1.16 -8.53 11.53
CA PRO D 138 0.14 -7.95 11.20
C PRO D 138 0.19 -7.54 9.74
N PRO D 139 0.93 -6.46 9.41
CA PRO D 139 1.23 -6.13 8.03
C PRO D 139 2.26 -7.10 7.49
N ASN D 140 2.09 -7.60 6.29
CA ASN D 140 0.81 -7.66 5.61
C ASN D 140 0.73 -9.17 5.46
N ALA D 141 0.08 -9.81 6.42
CA ALA D 141 0.22 -11.25 6.62
C ALA D 141 -0.18 -12.05 5.37
N ARG D 142 0.38 -13.25 5.26
CA ARG D 142 -0.16 -14.23 4.34
C ARG D 142 -1.63 -14.45 4.67
N LYS D 143 -2.46 -14.43 3.63
CA LYS D 143 -3.91 -14.50 3.64
C LYS D 143 -4.57 -13.17 4.05
N SER D 144 -3.81 -12.10 4.29
CA SER D 144 -4.50 -10.85 4.56
C SER D 144 -4.91 -10.16 3.25
N LYS D 145 -5.89 -9.26 3.37
CA LYS D 145 -6.50 -8.54 2.27
C LYS D 145 -6.34 -7.04 2.48
N PRO D 146 -6.29 -6.25 1.40
CA PRO D 146 -6.17 -4.80 1.54
C PRO D 146 -7.49 -4.16 1.97
N PHE D 147 -7.43 -2.87 2.26
CA PHE D 147 -8.54 -2.00 2.63
C PHE D 147 -8.93 -2.14 4.11
N ILE D 148 -9.46 -1.07 4.69
CA ILE D 148 -9.79 -1.04 6.11
C ILE D 148 -11.31 -1.07 6.24
N ASP D 149 -11.82 -2.16 6.82
CA ASP D 149 -13.20 -2.63 6.75
C ASP D 149 -13.95 -2.58 8.07
N HIS D 150 -13.26 -2.72 9.18
CA HIS D 150 -13.95 -2.98 10.42
C HIS D 150 -13.05 -2.64 11.58
N VAL D 151 -13.67 -2.51 12.76
CA VAL D 151 -13.00 -2.20 14.01
C VAL D 151 -13.34 -3.27 15.01
N MET D 152 -12.32 -3.69 15.76
CA MET D 152 -12.56 -4.45 16.97
C MET D 152 -12.23 -3.55 18.15
N SER D 153 -13.17 -3.47 19.09
CA SER D 153 -13.11 -2.55 20.20
C SER D 153 -12.95 -3.31 21.51
N PHE D 154 -12.30 -2.65 22.46
CA PHE D 154 -12.08 -3.20 23.80
C PHE D 154 -12.37 -2.09 24.79
N SER D 155 -13.28 -2.34 25.71
CA SER D 155 -13.69 -1.33 26.67
C SER D 155 -13.80 -2.00 28.04
N ILE D 156 -13.46 -1.24 29.08
CA ILE D 156 -13.43 -1.76 30.44
C ILE D 156 -14.62 -1.19 31.19
N VAL D 157 -15.60 -2.04 31.48
CA VAL D 157 -16.82 -1.67 32.18
C VAL D 157 -17.05 -2.69 33.28
N ASP D 158 -17.17 -2.22 34.51
CA ASP D 158 -17.27 -3.08 35.68
C ASP D 158 -16.12 -4.08 35.71
N ASP D 159 -14.92 -3.56 35.44
CA ASP D 159 -13.66 -4.30 35.30
C ASP D 159 -13.84 -5.62 34.58
N LYS D 160 -14.49 -5.55 33.42
CA LYS D 160 -14.54 -6.63 32.46
C LYS D 160 -14.26 -6.03 31.10
N ILE D 161 -13.63 -6.80 30.22
CA ILE D 161 -13.27 -6.29 28.90
C ILE D 161 -14.37 -6.69 27.92
N TRP D 162 -15.08 -5.71 27.40
CA TRP D 162 -16.20 -5.93 26.48
C TRP D 162 -15.68 -5.78 25.05
N VAL D 163 -15.93 -6.80 24.23
CA VAL D 163 -15.37 -6.87 22.89
C VAL D 163 -16.51 -6.81 21.87
N ARG D 164 -16.39 -5.91 20.88
CA ARG D 164 -17.33 -5.81 19.77
C ARG D 164 -16.57 -5.74 18.46
N THR D 165 -17.27 -6.06 17.38
CA THR D 165 -16.71 -6.03 16.03
C THR D 165 -17.67 -5.26 15.14
N TYR D 166 -17.21 -4.15 14.57
CA TYR D 166 -18.05 -3.27 13.77
C TYR D 166 -17.52 -3.16 12.35
N GLU D 167 -18.42 -3.22 11.38
CA GLU D 167 -18.13 -2.87 10.00
C GLU D 167 -18.19 -1.35 9.83
N ILE D 168 -17.30 -0.81 9.01
CA ILE D 168 -17.21 0.63 8.78
C ILE D 168 -18.07 0.96 7.57
N SER D 169 -19.04 1.84 7.74
CA SER D 169 -20.00 2.13 6.68
C SER D 169 -19.66 3.48 6.08
N HIS D 170 -19.35 3.45 4.78
CA HIS D 170 -18.78 4.55 3.98
C HIS D 170 -17.27 4.75 4.26
N ILE D 185 -19.35 8.44 7.88
CA ILE D 185 -18.89 7.14 8.38
C ILE D 185 -19.63 6.79 9.64
N SER D 186 -20.37 5.70 9.57
CA SER D 186 -21.05 5.12 10.70
C SER D 186 -20.62 3.66 10.82
N LEU D 187 -21.16 2.97 11.82
CA LEU D 187 -20.71 1.63 12.16
C LEU D 187 -21.92 0.69 12.24
N VAL D 188 -21.70 -0.57 11.88
CA VAL D 188 -22.75 -1.58 12.01
C VAL D 188 -22.09 -2.87 12.49
N GLU D 189 -22.73 -3.49 13.47
CA GLU D 189 -22.07 -4.56 14.21
C GLU D 189 -21.99 -5.84 13.38
N ILE D 190 -20.85 -6.51 13.46
CA ILE D 190 -20.66 -7.78 12.79
C ILE D 190 -20.82 -8.96 13.76
N GLY D 191 -20.40 -8.80 15.00
CA GLY D 191 -20.06 -9.95 15.81
C GLY D 191 -18.65 -10.41 15.48
N PRO D 192 -18.06 -11.30 16.29
CA PRO D 192 -18.70 -11.79 17.50
C PRO D 192 -18.64 -10.72 18.56
N ARG D 193 -19.21 -11.08 19.70
CA ARG D 193 -19.45 -10.19 20.81
C ARG D 193 -19.26 -11.06 22.04
N PHE D 194 -18.44 -10.61 22.99
CA PHE D 194 -18.29 -11.34 24.24
C PHE D 194 -17.65 -10.43 25.29
N VAL D 195 -17.53 -10.97 26.50
CA VAL D 195 -17.02 -10.26 27.66
C VAL D 195 -16.01 -11.14 28.35
N MET D 196 -14.80 -10.62 28.55
CA MET D 196 -13.73 -11.32 29.25
C MET D 196 -13.58 -10.74 30.65
N THR D 197 -13.33 -11.57 31.64
CA THR D 197 -12.85 -11.07 32.92
C THR D 197 -11.56 -11.80 33.28
N VAL D 198 -10.50 -11.01 33.53
CA VAL D 198 -9.18 -11.56 33.83
C VAL D 198 -9.24 -12.43 35.08
N ILE D 199 -8.71 -13.64 34.97
CA ILE D 199 -8.70 -14.53 36.12
C ILE D 199 -7.32 -14.45 36.76
N LEU D 200 -6.29 -14.71 35.95
CA LEU D 200 -4.94 -14.66 36.47
C LEU D 200 -3.98 -14.38 35.34
N ILE D 201 -2.75 -14.07 35.73
CA ILE D 201 -1.63 -13.90 34.82
C ILE D 201 -0.46 -14.70 35.37
N LEU D 202 0.05 -15.63 34.57
CA LEU D 202 1.21 -16.42 34.91
C LEU D 202 2.47 -15.82 34.30
N GLU D 203 3.54 -15.81 35.08
CA GLU D 203 4.87 -15.41 34.63
C GLU D 203 5.26 -16.08 33.32
N GLY D 204 5.19 -17.40 33.28
CA GLY D 204 5.61 -18.16 32.12
C GLY D 204 4.48 -18.48 31.17
N SER D 205 4.75 -19.44 30.28
CA SER D 205 3.82 -19.85 29.24
C SER D 205 3.17 -21.16 29.69
N PHE D 206 2.00 -21.03 30.33
CA PHE D 206 1.30 -22.13 30.95
C PHE D 206 2.15 -22.77 32.05
N GLY D 207 2.90 -21.92 32.74
CA GLY D 207 3.74 -22.33 33.86
C GLY D 207 4.31 -21.09 34.54
N GLY D 208 5.13 -21.33 35.56
CA GLY D 208 5.71 -20.24 36.30
C GLY D 208 4.72 -19.67 37.29
N PRO D 209 5.15 -18.72 38.11
CA PRO D 209 4.29 -18.20 39.17
C PRO D 209 3.25 -17.19 38.71
N LYS D 210 2.13 -17.17 39.43
CA LYS D 210 1.06 -16.20 39.23
C LYS D 210 1.55 -14.80 39.59
N ILE D 211 1.53 -13.88 38.64
CA ILE D 211 1.88 -12.50 38.93
C ILE D 211 0.65 -11.61 39.01
N TYR D 212 -0.55 -12.18 38.88
CA TYR D 212 -1.77 -11.41 39.02
C TYR D 212 -2.92 -12.36 39.32
N GLU D 213 -3.82 -11.92 40.21
CA GLU D 213 -5.07 -12.60 40.50
C GLU D 213 -6.18 -11.58 40.66
N ASN D 214 -7.34 -11.87 40.06
CA ASN D 214 -8.51 -11.03 40.20
C ASN D 214 -9.30 -11.50 41.42
N LYS D 215 -9.35 -10.68 42.46
CA LYS D 215 -10.10 -11.04 43.66
C LYS D 215 -11.60 -10.96 43.45
N GLN D 216 -12.04 -10.23 42.43
CA GLN D 216 -13.46 -10.13 42.10
C GLN D 216 -13.95 -11.25 41.19
N TYR D 217 -13.05 -12.07 40.64
CA TYR D 217 -13.48 -13.18 39.82
C TYR D 217 -14.05 -14.28 40.69
N VAL D 218 -15.12 -14.92 40.21
CA VAL D 218 -15.70 -16.09 40.84
C VAL D 218 -16.12 -17.06 39.74
N SER D 219 -15.85 -18.34 39.93
CA SER D 219 -16.06 -19.30 38.86
C SER D 219 -17.56 -19.47 38.59
N PRO D 220 -17.94 -19.73 37.35
CA PRO D 220 -19.37 -19.94 37.06
C PRO D 220 -19.94 -21.18 37.74
N ASN D 221 -19.11 -22.15 38.12
CA ASN D 221 -19.62 -23.30 38.85
C ASN D 221 -20.04 -22.91 40.27
N VAL D 222 -19.24 -22.07 40.94
CA VAL D 222 -19.67 -21.55 42.23
C VAL D 222 -20.95 -20.73 42.05
N VAL D 223 -20.97 -19.85 41.04
CA VAL D 223 -22.13 -18.99 40.82
C VAL D 223 -23.39 -19.82 40.60
N ARG D 224 -23.31 -20.86 39.76
CA ARG D 224 -24.46 -21.72 39.54
C ARG D 224 -24.93 -22.38 40.83
N ALA D 225 -23.99 -22.70 41.72
CA ALA D 225 -24.33 -23.36 42.98
C ALA D 225 -25.00 -22.38 43.93
N GLN D 226 -24.44 -21.17 44.07
CA GLN D 226 -25.05 -20.17 44.96
C GLN D 226 -26.45 -19.78 44.51
N ILE D 227 -26.76 -19.98 43.22
CA ILE D 227 -28.11 -19.71 42.72
C ILE D 227 -29.05 -20.83 43.13
N LYS D 228 -28.56 -22.08 43.11
CA LYS D 228 -29.34 -23.20 43.63
C LYS D 228 -29.64 -23.02 45.11
N GLN D 229 -28.60 -22.79 45.93
CA GLN D 229 -28.78 -22.47 47.34
C GLN D 229 -29.84 -21.40 47.56
N GLN D 230 -30.19 -20.63 46.53
CA GLN D 230 -31.27 -19.63 46.52
C GLN D 230 -30.86 -18.41 47.31
S SO4 E . -24.30 -8.21 26.12
O1 SO4 E . -24.70 -7.58 27.38
O2 SO4 E . -24.65 -9.64 26.11
O3 SO4 E . -25.00 -7.57 25.03
O4 SO4 E . -22.86 -8.00 25.95
#